data_1H7B
#
_entry.id   1H7B
#
_cell.length_a   98.019
_cell.length_b   98.019
_cell.length_c   242.421
_cell.angle_alpha   90.00
_cell.angle_beta   90.00
_cell.angle_gamma   90.00
#
_symmetry.space_group_name_H-M   'P 43 21 2'
#
loop_
_entity.id
_entity.type
_entity.pdbx_description
1 polymer 'ANAEROBIC RIBONUCLEOTIDE-TRIPHOSPHATE REDUCTASE LARGE CHAIN'
2 non-polymer 'PHOSPHATE ION'
3 water water
#
_entity_poly.entity_id   1
_entity_poly.type   'polypeptide(L)'
_entity_poly.pdbx_seq_one_letter_code
;MTIEKEIEGLIHKTNKDLLNENANKDSRVFPTQRDLMAGIVSKHIAKNMVPSFIMKAHESGIIHVHDIDYSPALPFTNCC
LVDLKGMLENGFKLGNAQIETPKSIGVATAIMAQITAQVASHQYGGTTFANVDKVLSPYVKRTYAKHIEDAEKWQIADAL
NYAQSKTEKDVYDAFQAYEYEVNTLFSSNGQTPFVTITFGTGTDWTERMIQKAILKNRIKGLGRDGITPIFPKLVMFVEE
GVNLYKDDPNYDIKQLALECASKRMYPDIISAKNNKAITGSSVPVSPMGCRSFLSVWKDSTGNEILDGRNNLGVVTLNLP
RIALDSYIGTQFNEQKFVELFNERMDLCFEALMCRISSLKGVKATVAPILYQEGAFGVRLKPDDDIIELFKNGRSSVSLG
YIGIHELNILVGRDIGREILTKMNAHLKQWTERTGFAFSLYSTPAENLCYRFCKLDTEKYGSVKDVTDKGWYTNSFHVSV
EENITPFEKISREAPYHFIATGGHISYVELPDMKNNLKGLEAVWDYAAQHLDYFGVNMPVDKCFTCGSTHEMTPTENGFV
CSICGETDPKKMNTIRRTCAYLGNPNERGFNLGKNKEIMHRVKHQ
;
_entity_poly.pdbx_strand_id   A
#
# COMPACT_ATOMS: atom_id res chain seq x y z
N ASP A 26 8.28 15.23 12.37
CA ASP A 26 8.16 16.70 12.52
C ASP A 26 8.94 17.40 11.39
N SER A 27 9.43 18.61 11.60
CA SER A 27 10.16 19.35 10.56
C SER A 27 11.33 20.16 11.10
N ARG A 28 11.25 20.47 12.40
CA ARG A 28 12.28 21.23 13.08
C ARG A 28 13.40 20.26 13.45
N VAL A 29 13.09 18.98 13.33
CA VAL A 29 13.97 17.86 13.65
C VAL A 29 15.12 17.64 12.63
N PHE A 30 16.34 17.37 13.11
CA PHE A 30 17.51 17.19 12.22
C PHE A 30 17.37 16.28 11.03
N PRO A 31 16.98 15.00 11.24
CA PRO A 31 16.86 14.09 10.10
C PRO A 31 15.90 14.62 9.01
N THR A 32 14.79 15.25 9.43
CA THR A 32 13.82 15.81 8.49
C THR A 32 14.43 16.98 7.70
N GLN A 33 15.15 17.84 8.38
CA GLN A 33 15.83 18.97 7.81
C GLN A 33 16.88 18.54 6.77
N ARG A 34 17.69 17.53 7.11
CA ARG A 34 18.69 17.05 6.17
C ARG A 34 18.00 16.50 4.94
N ASP A 35 16.88 15.83 5.17
CA ASP A 35 16.09 15.26 4.10
C ASP A 35 15.53 16.35 3.17
N LEU A 36 14.98 17.42 3.76
CA LEU A 36 14.44 18.54 3.00
C LEU A 36 15.55 19.12 2.11
N MET A 37 16.77 19.16 2.61
CA MET A 37 17.86 19.68 1.83
C MET A 37 18.08 18.82 0.61
N ALA A 38 18.11 17.50 0.80
CA ALA A 38 18.29 16.56 -0.27
C ALA A 38 17.09 16.68 -1.23
N GLY A 39 15.90 16.92 -0.70
CA GLY A 39 14.71 17.07 -1.52
C GLY A 39 14.84 18.26 -2.47
N ILE A 40 15.34 19.38 -1.93
CA ILE A 40 15.58 20.61 -2.67
C ILE A 40 16.58 20.42 -3.79
N VAL A 41 17.71 19.82 -3.48
CA VAL A 41 18.72 19.56 -4.49
C VAL A 41 18.11 18.70 -5.61
N SER A 42 17.31 17.71 -5.21
CA SER A 42 16.70 16.81 -6.17
C SER A 42 15.63 17.44 -7.04
N LYS A 43 14.86 18.39 -6.50
CA LYS A 43 13.82 19.04 -7.28
C LYS A 43 14.53 19.90 -8.27
N HIS A 44 15.67 20.44 -7.90
CA HIS A 44 16.41 21.27 -8.83
C HIS A 44 17.03 20.41 -9.92
N ILE A 45 17.57 19.25 -9.53
CA ILE A 45 18.19 18.39 -10.50
C ILE A 45 17.15 17.89 -11.50
N ALA A 46 15.94 17.63 -11.01
CA ALA A 46 14.85 17.15 -11.85
C ALA A 46 14.51 18.19 -12.91
N LYS A 47 14.75 19.46 -12.57
CA LYS A 47 14.43 20.53 -13.50
C LYS A 47 15.36 20.45 -14.68
N ASN A 48 16.49 19.79 -14.51
CA ASN A 48 17.45 19.67 -15.58
C ASN A 48 17.37 18.33 -16.29
N MET A 49 16.44 17.49 -15.87
CA MET A 49 16.30 16.14 -16.46
C MET A 49 14.95 15.88 -17.08
N VAL A 50 13.93 16.56 -16.57
CA VAL A 50 12.60 16.36 -17.08
C VAL A 50 12.34 17.39 -18.15
N PRO A 51 11.81 16.94 -19.32
CA PRO A 51 11.51 17.86 -20.43
C PRO A 51 10.59 18.93 -19.86
N SER A 52 10.88 20.18 -20.17
CA SER A 52 10.13 21.32 -19.69
C SER A 52 8.60 21.25 -19.77
N PHE A 53 8.08 20.68 -20.85
CA PHE A 53 6.64 20.58 -20.99
C PHE A 53 6.02 19.66 -19.93
N ILE A 54 6.81 18.72 -19.44
CA ILE A 54 6.32 17.84 -18.40
C ILE A 54 6.38 18.60 -17.06
N MET A 55 7.47 19.31 -16.80
CA MET A 55 7.56 20.09 -15.57
C MET A 55 6.47 21.16 -15.56
N LYS A 56 6.28 21.85 -16.68
CA LYS A 56 5.24 22.87 -16.69
C LYS A 56 3.86 22.29 -16.46
N ALA A 57 3.61 21.07 -16.92
CA ALA A 57 2.26 20.55 -16.67
C ALA A 57 2.08 20.17 -15.20
N HIS A 58 3.19 19.75 -14.57
CA HIS A 58 3.22 19.38 -13.14
C HIS A 58 3.13 20.65 -12.28
N GLU A 59 3.93 21.66 -12.61
CA GLU A 59 3.87 22.91 -11.87
C GLU A 59 2.46 23.52 -11.97
N SER A 60 1.76 23.32 -13.07
CA SER A 60 0.45 23.93 -13.16
C SER A 60 -0.73 23.06 -12.67
N GLY A 61 -0.45 21.83 -12.23
CA GLY A 61 -1.54 20.99 -11.73
C GLY A 61 -2.33 20.19 -12.75
N ILE A 62 -1.78 20.09 -13.96
CA ILE A 62 -2.36 19.33 -15.07
C ILE A 62 -2.16 17.86 -14.72
N ILE A 63 -0.98 17.55 -14.22
CA ILE A 63 -0.63 16.20 -13.77
C ILE A 63 0.18 16.44 -12.51
N HIS A 64 0.50 15.34 -11.84
CA HIS A 64 1.33 15.40 -10.67
C HIS A 64 2.33 14.27 -10.81
N VAL A 65 3.61 14.64 -10.96
CA VAL A 65 4.68 13.66 -11.00
C VAL A 65 5.02 13.44 -9.52
N HIS A 66 4.69 12.27 -8.98
CA HIS A 66 4.95 12.07 -7.55
C HIS A 66 6.40 11.88 -7.24
N ASP A 67 6.80 12.28 -6.03
CA ASP A 67 8.17 12.08 -5.54
C ASP A 67 9.31 12.64 -6.36
N ILE A 68 9.09 13.84 -6.88
CA ILE A 68 10.06 14.52 -7.69
C ILE A 68 11.24 14.94 -6.76
N ASP A 69 11.00 14.95 -5.47
CA ASP A 69 12.05 15.30 -4.54
C ASP A 69 12.95 14.09 -4.28
N TYR A 70 12.72 13.02 -5.02
CA TYR A 70 13.56 11.82 -4.90
C TYR A 70 14.07 11.42 -6.28
N SER A 71 13.12 11.31 -7.20
CA SER A 71 13.34 10.83 -8.57
C SER A 71 12.87 11.91 -9.55
N PRO A 72 13.58 12.05 -10.69
CA PRO A 72 14.76 11.30 -11.17
C PRO A 72 16.17 11.67 -10.74
N ALA A 73 16.34 12.51 -9.74
CA ALA A 73 17.69 12.88 -9.30
C ALA A 73 18.46 11.62 -8.98
N LEU A 74 17.80 10.70 -8.27
CA LEU A 74 18.39 9.44 -7.96
C LEU A 74 17.44 8.39 -8.55
N PRO A 75 17.99 7.26 -9.02
CA PRO A 75 17.21 6.19 -9.63
C PRO A 75 16.42 5.33 -8.67
N PHE A 76 15.72 5.97 -7.74
CA PHE A 76 14.89 5.26 -6.76
C PHE A 76 13.71 4.63 -7.48
N THR A 77 13.08 3.66 -6.84
CA THR A 77 11.89 3.04 -7.39
C THR A 77 10.91 3.36 -6.25
N ASN A 78 9.64 3.04 -6.45
CA ASN A 78 8.57 3.35 -5.51
C ASN A 78 8.29 2.31 -4.39
N CYS A 79 7.27 1.46 -4.57
CA CYS A 79 6.92 0.52 -3.50
C CYS A 79 7.25 -0.95 -3.79
N CYS A 80 7.05 -1.85 -2.83
CA CYS A 80 7.35 -3.26 -3.14
C CYS A 80 6.77 -4.33 -2.22
N LEU A 81 6.77 -5.57 -2.71
CA LEU A 81 6.40 -6.70 -1.84
C LEU A 81 7.78 -7.25 -1.52
N VAL A 82 8.21 -7.25 -0.27
CA VAL A 82 9.57 -7.77 0.01
C VAL A 82 9.59 -9.30 -0.02
N ASP A 83 10.62 -9.87 -0.63
CA ASP A 83 10.71 -11.35 -0.64
C ASP A 83 11.37 -11.82 0.64
N LEU A 84 10.73 -11.55 1.76
CA LEU A 84 11.25 -11.95 3.05
C LEU A 84 11.46 -13.46 3.13
N LYS A 85 10.55 -14.23 2.54
CA LYS A 85 10.69 -15.68 2.55
C LYS A 85 12.01 -16.15 1.94
N GLY A 86 12.35 -15.65 0.76
CA GLY A 86 13.58 -16.02 0.11
C GLY A 86 14.81 -15.41 0.80
N MET A 87 14.62 -14.54 1.78
CA MET A 87 15.82 -14.00 2.42
C MET A 87 16.07 -14.70 3.73
N LEU A 88 15.02 -15.14 4.40
CA LEU A 88 15.18 -15.83 5.66
C LEU A 88 15.64 -17.26 5.39
N GLU A 89 15.09 -17.86 4.34
CA GLU A 89 15.41 -19.22 3.96
C GLU A 89 16.86 -19.28 3.59
N ASN A 90 17.24 -18.62 2.51
CA ASN A 90 18.64 -18.61 2.17
C ASN A 90 19.19 -17.64 3.21
N GLY A 91 20.37 -17.11 3.00
CA GLY A 91 20.79 -16.11 3.96
C GLY A 91 20.92 -14.85 3.11
N PHE A 92 21.61 -13.84 3.63
CA PHE A 92 21.84 -12.62 2.86
C PHE A 92 22.69 -11.67 3.67
N LYS A 93 23.41 -10.83 2.95
CA LYS A 93 24.28 -9.85 3.55
C LYS A 93 23.50 -8.55 3.87
N LEU A 94 23.48 -8.20 5.14
CA LEU A 94 22.84 -7.00 5.63
C LEU A 94 23.99 -6.17 6.18
N GLY A 95 24.51 -5.32 5.31
CA GLY A 95 25.62 -4.47 5.67
C GLY A 95 26.89 -5.27 5.52
N ASN A 96 27.56 -5.44 6.66
CA ASN A 96 28.82 -6.16 6.75
C ASN A 96 28.57 -7.66 7.05
N ALA A 97 27.53 -7.90 7.85
CA ALA A 97 27.12 -9.22 8.31
C ALA A 97 26.42 -10.14 7.34
N GLN A 98 26.74 -11.43 7.44
CA GLN A 98 26.12 -12.46 6.63
C GLN A 98 25.10 -13.11 7.58
N ILE A 99 23.85 -12.66 7.52
CA ILE A 99 22.79 -13.18 8.35
C ILE A 99 22.42 -14.59 7.90
N GLU A 100 22.08 -15.44 8.85
CA GLU A 100 21.73 -16.83 8.54
C GLU A 100 20.29 -17.08 8.89
N THR A 101 19.71 -18.14 8.31
CA THR A 101 18.32 -18.46 8.60
C THR A 101 18.07 -18.33 10.08
N PRO A 102 16.98 -17.68 10.48
CA PRO A 102 16.66 -17.50 11.88
C PRO A 102 16.40 -18.85 12.56
N LYS A 103 16.90 -19.02 13.77
CA LYS A 103 16.69 -20.25 14.52
C LYS A 103 15.46 -20.11 15.41
N SER A 104 14.98 -18.88 15.55
CA SER A 104 13.87 -18.53 16.43
C SER A 104 12.90 -17.54 15.76
N ILE A 105 11.67 -17.46 16.26
CA ILE A 105 10.70 -16.55 15.70
C ILE A 105 11.05 -15.11 16.10
N GLY A 106 11.61 -14.95 17.29
CA GLY A 106 11.95 -13.62 17.76
C GLY A 106 13.14 -13.05 17.02
N VAL A 107 13.93 -13.93 16.42
CA VAL A 107 15.10 -13.51 15.68
C VAL A 107 14.74 -13.21 14.22
N ALA A 108 13.70 -13.86 13.74
CA ALA A 108 13.26 -13.66 12.39
C ALA A 108 12.44 -12.36 12.29
N THR A 109 11.78 -11.95 13.36
CA THR A 109 11.03 -10.71 13.30
C THR A 109 11.96 -9.57 13.59
N ALA A 110 13.04 -9.85 14.31
CA ALA A 110 14.00 -8.81 14.63
C ALA A 110 14.61 -8.46 13.29
N ILE A 111 14.97 -9.51 12.54
CA ILE A 111 15.54 -9.38 11.23
C ILE A 111 14.53 -8.74 10.26
N MET A 112 13.25 -9.03 10.43
CA MET A 112 12.25 -8.47 9.56
C MET A 112 12.28 -6.94 9.71
N ALA A 113 12.47 -6.46 10.93
CA ALA A 113 12.53 -5.03 11.22
C ALA A 113 13.76 -4.39 10.61
N GLN A 114 14.88 -5.09 10.65
CA GLN A 114 16.10 -4.52 10.09
C GLN A 114 15.95 -4.43 8.59
N ILE A 115 15.23 -5.38 7.99
CA ILE A 115 15.01 -5.36 6.56
C ILE A 115 14.05 -4.20 6.24
N THR A 116 13.00 -4.04 7.06
CA THR A 116 12.03 -2.98 6.92
C THR A 116 12.79 -1.65 6.90
N ALA A 117 13.71 -1.45 7.85
CA ALA A 117 14.43 -0.20 7.89
C ALA A 117 15.28 0.02 6.62
N GLN A 118 15.98 -1.01 6.19
CA GLN A 118 16.81 -0.94 5.01
C GLN A 118 16.07 -0.71 3.68
N VAL A 119 14.96 -1.41 3.47
CA VAL A 119 14.21 -1.29 2.23
C VAL A 119 13.63 0.12 2.22
N ALA A 120 13.07 0.58 3.34
CA ALA A 120 12.50 1.93 3.42
C ALA A 120 13.49 3.00 2.94
N SER A 121 14.76 2.83 3.25
CA SER A 121 15.83 3.74 2.89
C SER A 121 16.34 3.63 1.46
N HIS A 122 15.82 2.67 0.71
CA HIS A 122 16.33 2.53 -0.64
C HIS A 122 15.30 2.67 -1.72
N GLN A 123 14.07 2.99 -1.32
CA GLN A 123 13.00 3.24 -2.29
C GLN A 123 12.25 4.37 -1.61
N TYR A 124 11.41 5.11 -2.32
CA TYR A 124 10.71 6.18 -1.60
C TYR A 124 9.29 5.83 -1.28
N GLY A 125 8.84 4.61 -1.64
CA GLY A 125 7.46 4.20 -1.36
C GLY A 125 7.28 3.22 -0.19
N GLY A 126 6.06 2.76 0.04
CA GLY A 126 5.84 1.83 1.13
C GLY A 126 6.45 0.43 0.92
N THR A 127 6.51 -0.34 1.99
CA THR A 127 7.11 -1.65 1.90
C THR A 127 6.11 -2.65 2.43
N THR A 128 5.91 -3.74 1.73
CA THR A 128 4.96 -4.72 2.24
C THR A 128 5.53 -6.09 2.52
N PHE A 129 5.20 -6.62 3.70
CA PHE A 129 5.57 -7.99 4.02
C PHE A 129 4.25 -8.76 3.86
N ALA A 130 4.15 -9.48 2.75
CA ALA A 130 2.97 -10.31 2.42
C ALA A 130 2.87 -11.67 3.20
N ASN A 131 1.68 -12.01 3.68
CA ASN A 131 1.42 -13.27 4.37
C ASN A 131 2.46 -13.63 5.41
N VAL A 132 2.65 -12.76 6.39
CA VAL A 132 3.65 -13.03 7.39
C VAL A 132 3.27 -14.26 8.16
N ASP A 133 1.98 -14.62 8.15
CA ASP A 133 1.56 -15.82 8.87
C ASP A 133 2.16 -17.06 8.22
N LYS A 134 2.11 -17.14 6.90
CA LYS A 134 2.68 -18.27 6.17
C LYS A 134 4.20 -18.22 6.15
N VAL A 135 4.76 -17.03 5.91
CA VAL A 135 6.21 -16.85 5.81
C VAL A 135 6.97 -17.12 7.11
N LEU A 136 6.46 -16.62 8.22
CA LEU A 136 7.15 -16.79 9.46
C LEU A 136 6.87 -18.10 10.22
N SER A 137 5.86 -18.84 9.77
CA SER A 137 5.46 -20.08 10.40
C SER A 137 6.61 -21.09 10.71
N PRO A 138 7.54 -21.27 9.76
CA PRO A 138 8.65 -22.18 9.99
C PRO A 138 9.46 -21.81 11.23
N TYR A 139 9.52 -20.53 11.55
CA TYR A 139 10.28 -20.06 12.70
C TYR A 139 9.52 -20.22 13.98
N VAL A 140 8.22 -20.26 13.88
CA VAL A 140 7.44 -20.47 15.08
C VAL A 140 7.64 -21.96 15.42
N LYS A 141 7.67 -22.79 14.39
CA LYS A 141 7.87 -24.23 14.58
C LYS A 141 9.22 -24.43 15.27
N ARG A 142 10.22 -23.72 14.79
CA ARG A 142 11.56 -23.81 15.35
C ARG A 142 11.55 -23.51 16.81
N THR A 143 10.90 -22.42 17.18
CA THR A 143 10.84 -21.98 18.57
C THR A 143 10.26 -23.06 19.43
N TYR A 144 9.26 -23.74 18.86
CA TYR A 144 8.58 -24.82 19.53
C TYR A 144 9.55 -25.99 19.79
N ALA A 145 10.26 -26.42 18.75
CA ALA A 145 11.21 -27.53 18.88
C ALA A 145 12.23 -27.26 19.97
N LYS A 146 12.54 -25.99 20.22
CA LYS A 146 13.51 -25.64 21.24
C LYS A 146 12.92 -25.66 22.63
N HIS A 147 11.63 -25.38 22.75
CA HIS A 147 11.00 -25.41 24.06
C HIS A 147 10.64 -26.85 24.48
N ILE A 148 10.64 -27.75 23.51
CA ILE A 148 10.36 -29.15 23.73
C ILE A 148 11.66 -29.87 24.11
N GLU A 149 12.72 -29.59 23.35
CA GLU A 149 14.03 -30.17 23.61
C GLU A 149 14.58 -29.58 24.92
N ASP A 150 13.79 -28.66 25.49
CA ASP A 150 14.14 -28.00 26.72
C ASP A 150 13.17 -28.46 27.81
N ALA A 151 12.05 -29.04 27.38
CA ALA A 151 11.05 -29.54 28.32
C ALA A 151 11.50 -30.92 28.83
N GLU A 152 12.45 -31.51 28.11
CA GLU A 152 12.99 -32.80 28.48
C GLU A 152 14.37 -32.59 29.10
N LYS A 153 15.05 -31.52 28.68
CA LYS A 153 16.37 -31.19 29.23
C LYS A 153 16.20 -30.79 30.68
N TRP A 154 15.01 -30.34 31.05
CA TRP A 154 14.79 -29.96 32.43
C TRP A 154 13.65 -30.79 33.00
N GLN A 155 13.44 -31.98 32.43
CA GLN A 155 12.40 -32.92 32.87
C GLN A 155 11.20 -32.15 33.40
N ILE A 156 10.68 -31.26 32.57
CA ILE A 156 9.56 -30.44 32.97
C ILE A 156 8.26 -31.21 33.00
N ALA A 157 7.60 -31.16 34.15
CA ALA A 157 6.33 -31.84 34.36
C ALA A 157 5.48 -31.84 33.09
N ASP A 158 4.77 -30.74 32.91
CA ASP A 158 3.86 -30.52 31.80
C ASP A 158 4.57 -30.23 30.46
N ALA A 159 5.21 -31.22 29.84
CA ALA A 159 5.95 -31.01 28.57
C ALA A 159 5.22 -30.27 27.44
N LEU A 160 4.36 -30.96 26.70
CA LEU A 160 3.64 -30.32 25.61
C LEU A 160 2.98 -29.02 26.01
N ASN A 161 2.71 -28.87 27.30
CA ASN A 161 2.07 -27.66 27.79
C ASN A 161 3.06 -26.53 28.05
N TYR A 162 4.29 -26.91 28.37
CA TYR A 162 5.36 -25.97 28.62
C TYR A 162 5.75 -25.33 27.29
N ALA A 163 5.71 -26.12 26.21
CA ALA A 163 6.04 -25.60 24.89
C ALA A 163 4.92 -24.63 24.49
N GLN A 164 3.70 -25.13 24.38
CA GLN A 164 2.54 -24.32 24.02
C GLN A 164 2.63 -22.91 24.60
N SER A 165 2.92 -22.82 25.90
CA SER A 165 3.00 -21.52 26.57
C SER A 165 4.21 -20.69 26.15
N LYS A 166 5.40 -21.23 26.34
CA LYS A 166 6.60 -20.51 25.97
C LYS A 166 6.45 -20.02 24.53
N THR A 167 6.23 -20.95 23.60
CA THR A 167 6.08 -20.61 22.20
C THR A 167 5.08 -19.48 22.00
N GLU A 168 3.92 -19.56 22.65
CA GLU A 168 2.93 -18.52 22.52
C GLU A 168 3.46 -17.17 22.97
N LYS A 169 4.17 -17.16 24.09
CA LYS A 169 4.73 -15.93 24.62
C LYS A 169 5.84 -15.43 23.68
N ASP A 170 6.71 -16.33 23.24
CA ASP A 170 7.81 -16.01 22.34
C ASP A 170 7.29 -15.33 21.06
N VAL A 171 6.11 -15.75 20.61
CA VAL A 171 5.49 -15.23 19.41
C VAL A 171 4.76 -13.88 19.60
N TYR A 172 4.16 -13.65 20.75
CA TYR A 172 3.49 -12.41 21.00
C TYR A 172 4.59 -11.34 21.08
N ASP A 173 5.49 -11.55 22.04
CA ASP A 173 6.60 -10.65 22.26
C ASP A 173 7.37 -10.30 21.00
N ALA A 174 7.50 -11.26 20.09
CA ALA A 174 8.22 -11.06 18.85
C ALA A 174 7.53 -10.05 17.91
N PHE A 175 6.22 -10.15 17.78
CA PHE A 175 5.49 -9.23 16.92
C PHE A 175 5.28 -7.88 17.62
N GLN A 176 5.19 -7.93 18.94
CA GLN A 176 5.06 -6.74 19.76
C GLN A 176 6.34 -5.92 19.59
N ALA A 177 7.46 -6.62 19.51
CA ALA A 177 8.74 -5.97 19.32
C ALA A 177 8.88 -5.52 17.86
N TYR A 178 8.28 -6.25 16.92
CA TYR A 178 8.35 -5.83 15.51
C TYR A 178 7.60 -4.52 15.46
N GLU A 179 6.37 -4.56 15.95
CA GLU A 179 5.52 -3.38 15.96
C GLU A 179 6.21 -2.18 16.63
N TYR A 180 6.91 -2.39 17.76
CA TYR A 180 7.60 -1.30 18.46
C TYR A 180 8.74 -0.74 17.66
N GLU A 181 9.50 -1.63 17.04
CA GLU A 181 10.67 -1.26 16.25
C GLU A 181 10.27 -0.44 15.03
N VAL A 182 9.15 -0.79 14.42
CA VAL A 182 8.66 -0.08 13.27
C VAL A 182 8.35 1.35 13.68
N ASN A 183 7.91 1.51 14.92
CA ASN A 183 7.53 2.83 15.40
C ASN A 183 8.60 3.72 15.99
N THR A 184 9.79 3.17 16.15
CA THR A 184 10.91 3.92 16.71
C THR A 184 11.97 4.08 15.64
N LEU A 185 12.16 3.05 14.82
CA LEU A 185 13.16 3.11 13.78
C LEU A 185 12.79 4.11 12.71
N PHE A 186 13.75 4.97 12.39
CA PHE A 186 13.54 5.96 11.36
C PHE A 186 14.26 5.51 10.06
N SER A 187 13.86 6.09 8.93
CA SER A 187 14.49 5.75 7.67
C SER A 187 15.67 6.70 7.56
N SER A 188 16.15 6.90 6.33
CA SER A 188 17.24 7.81 6.08
C SER A 188 16.62 9.21 5.95
N ASN A 189 15.31 9.30 6.21
CA ASN A 189 14.59 10.56 6.08
C ASN A 189 14.03 11.11 7.39
N GLY A 190 14.34 10.43 8.49
CA GLY A 190 13.84 10.88 9.78
C GLY A 190 12.35 10.79 9.81
N GLN A 191 11.88 9.64 9.33
CA GLN A 191 10.47 9.34 9.22
C GLN A 191 10.25 7.90 9.61
N THR A 192 9.02 7.59 9.99
CA THR A 192 8.73 6.21 10.30
C THR A 192 8.32 5.62 8.96
N PRO A 193 8.80 4.40 8.67
CA PRO A 193 8.54 3.67 7.42
C PRO A 193 7.08 3.34 7.16
N PHE A 194 6.69 3.42 5.91
CA PHE A 194 5.35 3.08 5.53
C PHE A 194 5.46 1.61 5.21
N VAL A 195 5.03 0.78 6.16
CA VAL A 195 5.07 -0.65 6.00
C VAL A 195 3.68 -1.27 6.18
N THR A 196 3.43 -2.31 5.41
CA THR A 196 2.17 -3.01 5.44
C THR A 196 2.47 -4.48 5.68
N ILE A 197 1.67 -5.08 6.57
CA ILE A 197 1.79 -6.49 6.94
C ILE A 197 0.45 -7.16 6.58
N THR A 198 0.48 -8.24 5.81
CA THR A 198 -0.78 -8.90 5.49
C THR A 198 -0.76 -10.35 5.94
N PHE A 199 -1.93 -10.84 6.33
CA PHE A 199 -2.10 -12.22 6.80
C PHE A 199 -3.56 -12.61 6.63
N GLY A 200 -3.90 -13.85 6.98
CA GLY A 200 -5.27 -14.28 6.91
C GLY A 200 -5.52 -15.58 6.20
N THR A 201 -4.64 -15.97 5.28
CA THR A 201 -4.86 -17.21 4.56
C THR A 201 -4.15 -18.40 5.20
N GLY A 202 -3.56 -18.18 6.37
CA GLY A 202 -2.86 -19.25 7.07
C GLY A 202 -3.81 -20.02 7.97
N THR A 203 -3.79 -21.35 7.90
CA THR A 203 -4.67 -22.16 8.71
C THR A 203 -3.97 -23.01 9.76
N ASP A 204 -2.73 -23.40 9.48
CA ASP A 204 -1.90 -24.19 10.39
C ASP A 204 -1.89 -23.52 11.76
N TRP A 205 -1.66 -24.29 12.82
CA TRP A 205 -1.65 -23.73 14.17
C TRP A 205 -0.60 -22.64 14.39
N THR A 206 0.51 -22.73 13.65
CA THR A 206 1.59 -21.75 13.74
C THR A 206 1.14 -20.48 12.99
N GLU A 207 0.45 -20.69 11.87
CA GLU A 207 -0.08 -19.61 11.07
C GLU A 207 -1.17 -18.90 11.89
N ARG A 208 -2.00 -19.66 12.59
CA ARG A 208 -3.07 -19.02 13.36
C ARG A 208 -2.45 -18.25 14.51
N MET A 209 -1.47 -18.85 15.16
CA MET A 209 -0.84 -18.18 16.29
C MET A 209 -0.25 -16.81 15.88
N ILE A 210 0.46 -16.77 14.75
CA ILE A 210 1.01 -15.51 14.28
C ILE A 210 -0.11 -14.44 14.11
N GLN A 211 -1.20 -14.82 13.44
CA GLN A 211 -2.30 -13.90 13.21
C GLN A 211 -2.84 -13.34 14.50
N LYS A 212 -3.21 -14.23 15.41
CA LYS A 212 -3.73 -13.81 16.70
C LYS A 212 -2.71 -12.91 17.37
N ALA A 213 -1.45 -13.34 17.38
CA ALA A 213 -0.39 -12.53 18.00
C ALA A 213 -0.47 -11.07 17.53
N ILE A 214 -0.50 -10.88 16.20
CA ILE A 214 -0.58 -9.54 15.61
C ILE A 214 -1.86 -8.77 15.99
N LEU A 215 -3.00 -9.44 15.91
CA LEU A 215 -4.26 -8.79 16.28
C LEU A 215 -4.29 -8.44 17.75
N LYS A 216 -3.85 -9.37 18.59
CA LYS A 216 -3.85 -9.18 20.05
C LYS A 216 -2.94 -8.00 20.44
N ASN A 217 -1.72 -8.03 19.92
CA ASN A 217 -0.77 -6.97 20.19
C ASN A 217 -1.26 -5.60 19.65
N ARG A 218 -1.98 -5.61 18.53
CA ARG A 218 -2.47 -4.36 18.00
C ARG A 218 -3.53 -3.76 18.91
N ILE A 219 -4.46 -4.59 19.38
CA ILE A 219 -5.49 -4.15 20.33
C ILE A 219 -4.77 -3.57 21.55
N LYS A 220 -3.79 -4.30 22.06
CA LYS A 220 -3.06 -3.83 23.24
C LYS A 220 -2.60 -2.41 23.03
N GLY A 221 -2.13 -2.10 21.82
CA GLY A 221 -1.66 -0.76 21.58
C GLY A 221 -0.19 -0.57 21.91
N LEU A 222 0.29 0.61 21.54
CA LEU A 222 1.68 0.95 21.67
C LEU A 222 2.04 1.72 22.92
N GLY A 223 3.08 1.26 23.60
CA GLY A 223 3.54 1.95 24.80
C GLY A 223 2.68 1.93 26.04
N ARG A 224 3.11 2.74 27.01
CA ARG A 224 2.43 2.88 28.30
C ARG A 224 0.97 3.25 28.20
N ASP A 225 0.65 4.23 27.36
CA ASP A 225 -0.73 4.66 27.21
C ASP A 225 -1.48 3.82 26.16
N GLY A 226 -0.88 2.71 25.77
CA GLY A 226 -1.47 1.85 24.76
C GLY A 226 -2.14 2.60 23.63
N ILE A 227 -1.44 3.54 22.97
CA ILE A 227 -2.03 4.33 21.87
C ILE A 227 -2.14 3.56 20.57
N THR A 228 -2.86 4.15 19.61
CA THR A 228 -3.07 3.53 18.31
C THR A 228 -1.94 3.77 17.32
N PRO A 229 -1.30 2.69 16.83
CA PRO A 229 -0.19 2.82 15.87
C PRO A 229 -0.71 3.25 14.49
N ILE A 230 0.10 4.03 13.79
CA ILE A 230 -0.25 4.47 12.46
C ILE A 230 0.37 3.45 11.51
N PHE A 231 1.43 2.79 11.97
CA PHE A 231 2.06 1.76 11.17
C PHE A 231 2.48 0.66 12.13
N PRO A 232 2.55 -0.60 11.66
CA PRO A 232 2.27 -1.11 10.31
C PRO A 232 0.80 -1.11 9.91
N LYS A 233 0.51 -0.95 8.63
CA LYS A 233 -0.88 -1.05 8.23
C LYS A 233 -1.08 -2.58 8.33
N LEU A 234 -2.29 -3.00 8.69
CA LEU A 234 -2.64 -4.43 8.81
C LEU A 234 -3.74 -4.71 7.82
N VAL A 235 -3.55 -5.71 6.97
CA VAL A 235 -4.56 -6.07 6.00
C VAL A 235 -4.76 -7.58 6.17
N MET A 236 -6.01 -8.02 6.23
CA MET A 236 -6.33 -9.42 6.40
C MET A 236 -7.13 -9.95 5.24
N PHE A 237 -6.76 -11.14 4.77
CA PHE A 237 -7.49 -11.79 3.72
C PHE A 237 -8.71 -12.50 4.35
N VAL A 238 -9.82 -12.51 3.64
CA VAL A 238 -11.01 -13.18 4.10
C VAL A 238 -11.49 -13.96 2.89
N GLU A 239 -11.57 -15.27 3.06
CA GLU A 239 -11.94 -16.17 1.99
C GLU A 239 -12.91 -17.16 2.59
N GLU A 240 -13.87 -17.60 1.78
CA GLU A 240 -14.85 -18.56 2.22
C GLU A 240 -14.15 -19.88 2.48
N GLY A 241 -14.48 -20.53 3.59
CA GLY A 241 -13.84 -21.80 3.89
C GLY A 241 -12.51 -21.61 4.61
N VAL A 242 -12.38 -20.46 5.28
CA VAL A 242 -11.18 -20.14 6.02
C VAL A 242 -11.54 -19.09 7.05
N ASN A 243 -12.11 -18.00 6.54
CA ASN A 243 -12.39 -16.78 7.30
C ASN A 243 -13.75 -16.22 7.54
N LEU A 244 -14.62 -16.19 6.54
CA LEU A 244 -15.87 -15.47 6.79
C LEU A 244 -17.13 -16.12 7.32
N TYR A 245 -17.25 -17.43 7.26
CA TYR A 245 -18.45 -18.06 7.77
C TYR A 245 -18.20 -18.72 9.09
N LYS A 246 -19.18 -18.57 9.98
CA LYS A 246 -19.12 -19.11 11.32
C LYS A 246 -18.57 -20.54 11.41
N ASP A 247 -18.54 -21.25 10.29
CA ASP A 247 -18.05 -22.63 10.26
C ASP A 247 -16.60 -22.86 9.85
N ASP A 248 -15.94 -21.86 9.28
CA ASP A 248 -14.55 -21.98 8.84
C ASP A 248 -13.54 -22.07 9.98
N PRO A 249 -12.40 -22.73 9.74
CA PRO A 249 -11.35 -22.89 10.73
C PRO A 249 -11.03 -21.58 11.47
N ASN A 250 -10.71 -20.52 10.71
CA ASN A 250 -10.31 -19.27 11.33
C ASN A 250 -11.39 -18.24 11.58
N TYR A 251 -12.63 -18.69 11.73
CA TYR A 251 -13.70 -17.74 11.99
C TYR A 251 -13.45 -17.01 13.30
N ASP A 252 -12.80 -17.67 14.25
CA ASP A 252 -12.54 -16.99 15.51
C ASP A 252 -11.49 -15.88 15.34
N ILE A 253 -10.60 -16.03 14.36
CA ILE A 253 -9.63 -14.97 14.15
C ILE A 253 -10.39 -13.78 13.56
N LYS A 254 -11.31 -14.05 12.64
CA LYS A 254 -12.12 -13.00 12.04
C LYS A 254 -12.79 -12.15 13.11
N GLN A 255 -13.24 -12.83 14.15
CA GLN A 255 -13.89 -12.18 15.30
C GLN A 255 -12.92 -11.24 15.98
N LEU A 256 -11.72 -11.74 16.23
CA LEU A 256 -10.65 -10.98 16.84
C LEU A 256 -10.32 -9.76 15.94
N ALA A 257 -10.23 -10.01 14.63
CA ALA A 257 -9.94 -8.98 13.66
C ALA A 257 -10.99 -7.89 13.76
N LEU A 258 -12.27 -8.26 13.85
CA LEU A 258 -13.34 -7.29 13.98
C LEU A 258 -13.15 -6.43 15.22
N GLU A 259 -12.89 -7.09 16.34
CA GLU A 259 -12.68 -6.33 17.57
C GLU A 259 -11.54 -5.31 17.30
N CYS A 260 -10.41 -5.82 16.82
CA CYS A 260 -9.27 -4.98 16.51
C CYS A 260 -9.67 -3.80 15.65
N ALA A 261 -10.31 -4.06 14.51
CA ALA A 261 -10.74 -2.99 13.66
C ALA A 261 -11.56 -1.98 14.45
N SER A 262 -12.45 -2.46 15.30
CA SER A 262 -13.29 -1.56 16.09
C SER A 262 -12.53 -0.75 17.12
N LYS A 263 -11.32 -1.17 17.46
CA LYS A 263 -10.56 -0.41 18.45
C LYS A 263 -9.31 0.27 17.91
N ARG A 264 -8.86 -0.13 16.72
CA ARG A 264 -7.64 0.45 16.19
C ARG A 264 -7.70 0.75 14.71
N MET A 265 -8.89 0.66 14.13
CA MET A 265 -9.12 0.95 12.71
C MET A 265 -8.64 -0.19 11.82
N TYR A 266 -7.42 -0.63 12.03
CA TYR A 266 -6.90 -1.74 11.27
C TYR A 266 -7.36 -3.00 11.98
N PRO A 267 -7.42 -4.13 11.27
CA PRO A 267 -7.09 -4.33 9.87
C PRO A 267 -8.14 -3.97 8.83
N ASP A 268 -7.67 -3.74 7.62
CA ASP A 268 -8.52 -3.49 6.49
C ASP A 268 -8.62 -4.92 6.00
N ILE A 269 -9.53 -5.20 5.08
CA ILE A 269 -9.63 -6.54 4.59
C ILE A 269 -9.57 -6.59 3.09
N ILE A 270 -9.19 -7.74 2.57
CA ILE A 270 -9.17 -7.95 1.13
C ILE A 270 -9.96 -9.21 0.87
N SER A 271 -10.80 -9.17 -0.15
CA SER A 271 -11.62 -10.31 -0.52
C SER A 271 -10.81 -11.20 -1.43
N ALA A 272 -10.34 -12.30 -0.87
CA ALA A 272 -9.55 -13.27 -1.60
C ALA A 272 -10.25 -13.61 -2.91
N LYS A 273 -11.54 -13.84 -2.84
CA LYS A 273 -12.29 -14.17 -4.04
C LYS A 273 -12.12 -13.09 -5.12
N ASN A 274 -12.52 -11.86 -4.85
CA ASN A 274 -12.43 -10.82 -5.86
C ASN A 274 -11.02 -10.38 -6.21
N ASN A 275 -10.15 -10.42 -5.21
CA ASN A 275 -8.77 -10.04 -5.41
C ASN A 275 -8.12 -10.94 -6.43
N LYS A 276 -8.36 -12.25 -6.37
CA LYS A 276 -7.71 -13.16 -7.34
C LYS A 276 -8.25 -13.02 -8.74
N ALA A 277 -9.53 -12.71 -8.86
CA ALA A 277 -10.14 -12.56 -10.18
C ALA A 277 -9.64 -11.29 -10.85
N ILE A 278 -9.41 -10.27 -10.06
CA ILE A 278 -8.94 -8.98 -10.56
C ILE A 278 -7.49 -9.03 -10.95
N THR A 279 -6.66 -9.62 -10.08
CA THR A 279 -5.23 -9.68 -10.34
C THR A 279 -4.83 -10.77 -11.31
N GLY A 280 -5.63 -11.83 -11.39
CA GLY A 280 -5.33 -12.92 -12.30
C GLY A 280 -4.32 -13.87 -11.64
N SER A 281 -4.12 -13.68 -10.35
CA SER A 281 -3.20 -14.46 -9.55
C SER A 281 -3.92 -15.60 -8.90
N SER A 282 -3.26 -16.73 -8.77
CA SER A 282 -3.94 -17.85 -8.13
C SER A 282 -3.80 -17.81 -6.60
N VAL A 283 -3.10 -16.79 -6.08
CA VAL A 283 -3.00 -16.58 -4.64
C VAL A 283 -3.32 -15.10 -4.37
N PRO A 284 -3.98 -14.79 -3.26
CA PRO A 284 -4.35 -13.40 -2.93
C PRO A 284 -3.13 -12.47 -3.07
N VAL A 285 -3.38 -11.26 -3.61
CA VAL A 285 -2.31 -10.29 -3.87
C VAL A 285 -2.27 -9.17 -2.87
N SER A 286 -1.20 -9.09 -2.08
CA SER A 286 -1.08 -8.03 -1.08
C SER A 286 -0.75 -6.71 -1.77
N PRO A 287 -1.27 -5.62 -1.22
CA PRO A 287 -0.98 -4.31 -1.82
C PRO A 287 0.43 -3.91 -1.41
N MET A 288 1.20 -3.35 -2.34
CA MET A 288 2.54 -2.84 -2.00
C MET A 288 2.21 -1.45 -1.46
N GLY A 289 2.72 -1.09 -0.29
CA GLY A 289 2.40 0.23 0.26
C GLY A 289 0.93 0.29 0.58
N CYS A 290 0.30 1.44 0.38
CA CYS A 290 -1.12 1.59 0.71
C CYS A 290 -2.08 0.70 -0.08
N ARG A 291 -2.09 0.83 -1.40
CA ARG A 291 -3.03 0.06 -2.19
C ARG A 291 -2.64 -0.20 -3.61
N SER A 292 -1.34 -0.34 -3.83
CA SER A 292 -0.89 -0.61 -5.17
C SER A 292 -0.86 -2.16 -5.37
N PHE A 293 -1.63 -2.64 -6.34
CA PHE A 293 -1.71 -4.07 -6.61
C PHE A 293 -1.01 -4.45 -7.91
N LEU A 294 -0.31 -5.57 -7.88
CA LEU A 294 0.39 -6.09 -9.06
C LEU A 294 -0.60 -6.93 -9.85
N SER A 295 -0.32 -7.13 -11.13
CA SER A 295 -1.11 -8.01 -12.01
C SER A 295 -0.32 -9.37 -12.02
N VAL A 296 -0.94 -10.47 -12.44
CA VAL A 296 -0.22 -11.73 -12.43
C VAL A 296 0.99 -11.73 -13.37
N TRP A 297 2.09 -12.32 -12.91
CA TRP A 297 3.28 -12.41 -13.74
C TRP A 297 4.01 -13.73 -13.52
N LYS A 298 4.63 -14.20 -14.58
CA LYS A 298 5.36 -15.42 -14.51
C LYS A 298 6.81 -15.31 -14.88
N ASP A 299 7.65 -16.04 -14.15
CA ASP A 299 9.07 -16.05 -14.50
C ASP A 299 9.31 -16.91 -15.76
N SER A 300 10.56 -17.02 -16.18
CA SER A 300 10.91 -17.76 -17.39
C SER A 300 10.54 -19.25 -17.40
N THR A 301 10.28 -19.83 -16.24
CA THR A 301 9.96 -21.24 -16.15
C THR A 301 8.52 -21.43 -15.81
N GLY A 302 7.74 -20.39 -16.06
CA GLY A 302 6.31 -20.48 -15.82
C GLY A 302 5.76 -20.27 -14.44
N ASN A 303 6.61 -19.92 -13.46
CA ASN A 303 6.14 -19.71 -12.11
C ASN A 303 5.54 -18.31 -11.80
N GLU A 304 4.42 -18.32 -11.08
CA GLU A 304 3.73 -17.09 -10.70
C GLU A 304 4.50 -16.45 -9.56
N ILE A 305 5.15 -15.33 -9.85
CA ILE A 305 5.91 -14.61 -8.86
C ILE A 305 5.13 -13.41 -8.32
N LEU A 306 5.23 -13.21 -7.01
CA LEU A 306 4.58 -12.09 -6.39
C LEU A 306 5.68 -11.38 -5.55
N ASP A 307 6.15 -12.04 -4.49
CA ASP A 307 7.16 -11.51 -3.61
C ASP A 307 8.46 -11.09 -4.28
N GLY A 308 8.88 -9.86 -3.97
CA GLY A 308 10.09 -9.30 -4.58
C GLY A 308 9.76 -8.41 -5.77
N ARG A 309 8.50 -8.22 -6.08
CA ARG A 309 8.13 -7.38 -7.20
C ARG A 309 7.83 -5.95 -6.74
N ASN A 310 7.92 -5.00 -7.65
CA ASN A 310 7.72 -3.61 -7.28
C ASN A 310 6.99 -2.79 -8.31
N ASN A 311 6.98 -1.48 -8.00
CA ASN A 311 6.35 -0.45 -8.80
C ASN A 311 7.39 0.62 -9.11
N LEU A 312 7.33 1.15 -10.32
CA LEU A 312 8.33 2.13 -10.76
C LEU A 312 7.95 3.63 -10.60
N GLY A 313 6.74 3.92 -10.12
CA GLY A 313 6.39 5.29 -9.91
C GLY A 313 4.96 5.63 -10.26
N VAL A 314 4.56 6.82 -9.88
CA VAL A 314 3.21 7.28 -10.12
C VAL A 314 3.19 8.64 -10.76
N VAL A 315 2.33 8.82 -11.75
CA VAL A 315 2.12 10.12 -12.33
C VAL A 315 0.59 10.16 -12.26
N THR A 316 0.05 11.18 -11.59
CA THR A 316 -1.40 11.30 -11.48
C THR A 316 -1.98 12.32 -12.46
N LEU A 317 -3.11 11.99 -13.06
CA LEU A 317 -3.78 12.85 -14.03
C LEU A 317 -4.89 13.56 -13.27
N ASN A 318 -4.96 14.88 -13.38
CA ASN A 318 -5.97 15.68 -12.69
C ASN A 318 -7.22 15.68 -13.58
N LEU A 319 -8.19 14.84 -13.25
CA LEU A 319 -9.40 14.70 -14.06
C LEU A 319 -10.30 15.94 -14.05
N PRO A 320 -10.57 16.53 -12.88
CA PRO A 320 -11.43 17.72 -12.91
C PRO A 320 -10.84 18.78 -13.82
N ARG A 321 -9.54 18.97 -13.77
CA ARG A 321 -8.88 19.97 -14.58
C ARG A 321 -8.93 19.79 -16.11
N ILE A 322 -9.20 18.58 -16.56
CA ILE A 322 -9.32 18.33 -18.00
C ILE A 322 -10.71 18.88 -18.33
N ALA A 323 -11.68 18.65 -17.44
CA ALA A 323 -13.05 19.16 -17.67
C ALA A 323 -13.07 20.69 -17.59
N LEU A 324 -12.48 21.24 -16.53
CA LEU A 324 -12.39 22.67 -16.34
C LEU A 324 -11.76 23.31 -17.57
N ASP A 325 -10.59 22.83 -18.00
CA ASP A 325 -9.94 23.43 -19.18
C ASP A 325 -10.75 23.25 -20.47
N SER A 326 -11.81 22.46 -20.42
CA SER A 326 -12.54 22.29 -21.65
C SER A 326 -13.87 23.06 -21.62
N TYR A 327 -14.04 23.90 -20.59
CA TYR A 327 -15.21 24.73 -20.53
C TYR A 327 -14.93 25.86 -21.49
N ILE A 328 -15.97 26.36 -22.15
CA ILE A 328 -15.89 27.51 -23.03
C ILE A 328 -16.83 28.42 -22.26
N GLY A 329 -16.34 29.55 -21.79
CA GLY A 329 -17.20 30.43 -21.03
C GLY A 329 -17.69 29.59 -19.86
N THR A 330 -18.99 29.50 -19.63
CA THR A 330 -19.49 28.71 -18.52
C THR A 330 -20.07 27.34 -18.91
N GLN A 331 -19.88 26.88 -20.13
CA GLN A 331 -20.44 25.57 -20.43
C GLN A 331 -19.42 24.56 -20.89
N PHE A 332 -19.71 23.30 -20.62
CA PHE A 332 -18.82 22.24 -21.01
C PHE A 332 -18.73 22.08 -22.53
N ASN A 333 -17.55 21.73 -23.05
CA ASN A 333 -17.44 21.48 -24.47
C ASN A 333 -16.86 20.07 -24.69
N GLU A 334 -17.75 19.12 -24.98
CA GLU A 334 -17.39 17.73 -25.19
C GLU A 334 -16.24 17.48 -26.16
N GLN A 335 -16.25 18.13 -27.32
CA GLN A 335 -15.19 17.92 -28.30
C GLN A 335 -13.85 18.37 -27.74
N LYS A 336 -13.85 19.42 -26.95
CA LYS A 336 -12.63 19.93 -26.34
C LYS A 336 -12.10 18.94 -25.28
N PHE A 337 -13.02 18.28 -24.59
CA PHE A 337 -12.68 17.33 -23.55
C PHE A 337 -11.91 16.19 -24.17
N VAL A 338 -12.49 15.62 -25.23
CA VAL A 338 -11.87 14.53 -25.97
C VAL A 338 -10.43 14.88 -26.37
N GLU A 339 -10.22 16.04 -26.96
CA GLU A 339 -8.86 16.42 -27.40
C GLU A 339 -7.86 16.57 -26.26
N LEU A 340 -8.32 17.16 -25.16
CA LEU A 340 -7.46 17.37 -24.02
C LEU A 340 -7.13 16.04 -23.33
N PHE A 341 -8.13 15.15 -23.21
CA PHE A 341 -7.96 13.84 -22.61
C PHE A 341 -6.91 13.08 -23.40
N ASN A 342 -7.00 13.09 -24.72
CA ASN A 342 -6.02 12.39 -25.54
C ASN A 342 -4.66 13.03 -25.42
N GLU A 343 -4.63 14.34 -25.39
CA GLU A 343 -3.37 15.05 -25.25
C GLU A 343 -2.70 14.73 -23.88
N ARG A 344 -3.49 14.76 -22.82
CA ARG A 344 -2.98 14.52 -21.50
C ARG A 344 -2.58 13.07 -21.20
N MET A 345 -3.23 12.10 -21.85
CA MET A 345 -2.89 10.71 -21.64
C MET A 345 -1.47 10.54 -22.18
N ASP A 346 -1.22 11.09 -23.36
CA ASP A 346 0.10 11.02 -23.99
C ASP A 346 1.16 11.67 -23.11
N LEU A 347 0.81 12.83 -22.57
CA LEU A 347 1.67 13.60 -21.70
C LEU A 347 2.03 12.72 -20.48
N CYS A 348 1.04 12.08 -19.89
CA CYS A 348 1.27 11.20 -18.75
C CYS A 348 2.26 10.10 -19.08
N PHE A 349 2.07 9.52 -20.25
CA PHE A 349 2.90 8.46 -20.75
C PHE A 349 4.32 8.97 -20.91
N GLU A 350 4.47 10.17 -21.45
CA GLU A 350 5.79 10.72 -21.63
C GLU A 350 6.46 10.97 -20.27
N ALA A 351 5.64 11.26 -19.27
CA ALA A 351 6.13 11.56 -17.94
C ALA A 351 6.65 10.29 -17.23
N LEU A 352 5.90 9.19 -17.36
CA LEU A 352 6.25 7.90 -16.77
C LEU A 352 7.51 7.32 -17.46
N MET A 353 7.59 7.46 -18.79
CA MET A 353 8.73 6.97 -19.53
C MET A 353 9.98 7.79 -19.29
N CYS A 354 9.82 9.09 -19.16
CA CYS A 354 10.97 9.92 -18.91
C CYS A 354 11.71 9.45 -17.67
N ARG A 355 11.00 9.09 -16.60
CA ARG A 355 11.71 8.66 -15.39
C ARG A 355 12.15 7.20 -15.42
N ILE A 356 11.41 6.36 -16.13
CA ILE A 356 11.78 4.98 -16.25
C ILE A 356 13.10 4.99 -17.06
N SER A 357 13.25 5.93 -17.99
CA SER A 357 14.45 6.03 -18.82
C SER A 357 15.69 6.45 -18.06
N SER A 358 15.49 7.16 -16.97
CA SER A 358 16.61 7.59 -16.19
C SER A 358 17.24 6.35 -15.49
N LEU A 359 16.44 5.28 -15.31
CA LEU A 359 16.92 4.02 -14.69
C LEU A 359 17.92 3.28 -15.58
N LYS A 360 18.05 3.67 -16.85
CA LYS A 360 18.97 3.02 -17.74
C LYS A 360 20.42 3.21 -17.32
N GLY A 361 21.20 2.12 -17.38
CA GLY A 361 22.61 2.21 -17.02
C GLY A 361 22.92 2.25 -15.53
N VAL A 362 21.89 2.31 -14.69
CA VAL A 362 22.04 2.32 -13.24
C VAL A 362 22.42 0.93 -12.78
N LYS A 363 23.41 0.85 -11.90
CA LYS A 363 23.90 -0.44 -11.43
C LYS A 363 23.28 -0.96 -10.14
N ALA A 364 23.36 -2.28 -9.92
CA ALA A 364 22.79 -2.82 -8.69
C ALA A 364 23.53 -2.32 -7.46
N THR A 365 24.70 -1.68 -7.65
CA THR A 365 25.44 -1.16 -6.51
C THR A 365 24.67 -0.07 -5.78
N VAL A 366 23.67 0.48 -6.47
CA VAL A 366 22.85 1.54 -5.92
C VAL A 366 22.04 1.14 -4.67
N ALA A 367 21.64 -0.13 -4.55
CA ALA A 367 20.88 -0.59 -3.39
C ALA A 367 21.05 -2.09 -3.18
N PRO A 368 22.15 -2.51 -2.57
CA PRO A 368 22.44 -3.94 -2.31
C PRO A 368 21.28 -4.77 -1.66
N ILE A 369 20.61 -4.21 -0.67
CA ILE A 369 19.54 -4.93 -0.04
C ILE A 369 18.44 -5.24 -1.05
N LEU A 370 18.21 -4.33 -1.99
CA LEU A 370 17.16 -4.56 -2.95
C LEU A 370 17.51 -5.49 -4.10
N TYR A 371 18.67 -5.24 -4.67
CA TYR A 371 19.11 -5.94 -5.87
C TYR A 371 20.04 -7.12 -5.75
N GLN A 372 20.78 -7.19 -4.65
CA GLN A 372 21.74 -8.25 -4.47
C GLN A 372 21.41 -9.23 -3.36
N GLU A 373 20.92 -8.72 -2.25
CA GLU A 373 20.63 -9.55 -1.14
C GLU A 373 19.21 -10.06 -1.04
N GLY A 374 18.49 -10.04 -2.16
CA GLY A 374 17.15 -10.61 -2.15
C GLY A 374 15.84 -9.93 -1.88
N ALA A 375 15.78 -8.66 -1.47
CA ALA A 375 14.42 -8.12 -1.23
C ALA A 375 13.56 -8.15 -2.50
N PHE A 376 14.19 -8.07 -3.68
CA PHE A 376 13.43 -8.10 -4.94
C PHE A 376 13.38 -9.49 -5.55
N GLY A 377 13.66 -10.51 -4.74
CA GLY A 377 13.63 -11.87 -5.22
C GLY A 377 14.61 -12.33 -6.29
N VAL A 378 15.74 -11.67 -6.45
CA VAL A 378 16.75 -12.12 -7.43
C VAL A 378 18.10 -11.74 -6.86
N ARG A 379 19.16 -12.08 -7.57
CA ARG A 379 20.49 -11.72 -7.11
C ARG A 379 21.23 -11.23 -8.32
N LEU A 380 21.34 -9.92 -8.39
CA LEU A 380 22.05 -9.26 -9.48
C LEU A 380 23.47 -9.07 -8.97
N LYS A 381 24.43 -9.05 -9.88
CA LYS A 381 25.81 -8.80 -9.52
C LYS A 381 25.96 -7.27 -9.36
N PRO A 382 26.96 -6.79 -8.59
CA PRO A 382 27.08 -5.35 -8.46
C PRO A 382 27.05 -4.65 -9.81
N ASP A 383 27.65 -5.26 -10.83
CA ASP A 383 27.65 -4.62 -12.14
C ASP A 383 26.51 -4.87 -13.12
N ASP A 384 25.42 -5.48 -12.66
CA ASP A 384 24.27 -5.69 -13.53
C ASP A 384 23.40 -4.45 -13.48
N ASP A 385 22.75 -4.14 -14.58
CA ASP A 385 21.84 -3.03 -14.70
C ASP A 385 20.56 -3.44 -14.02
N ILE A 386 19.98 -2.56 -13.22
CA ILE A 386 18.73 -2.91 -12.56
C ILE A 386 17.50 -2.85 -13.48
N ILE A 387 17.57 -2.06 -14.55
CA ILE A 387 16.41 -1.84 -15.43
C ILE A 387 15.90 -3.17 -16.01
N GLU A 388 16.80 -4.07 -16.36
CA GLU A 388 16.40 -5.36 -16.94
C GLU A 388 15.46 -6.14 -16.04
N LEU A 389 15.63 -5.99 -14.75
CA LEU A 389 14.77 -6.67 -13.79
C LEU A 389 13.30 -6.23 -13.81
N PHE A 390 13.02 -5.00 -14.23
CA PHE A 390 11.66 -4.46 -14.21
C PHE A 390 10.83 -4.66 -15.47
N LYS A 391 11.49 -5.02 -16.55
CA LYS A 391 10.85 -5.21 -17.82
C LYS A 391 9.88 -6.36 -17.98
N ASN A 392 9.23 -6.34 -19.14
CA ASN A 392 8.27 -7.36 -19.54
C ASN A 392 7.23 -7.71 -18.51
N GLY A 393 6.70 -6.69 -17.83
CA GLY A 393 5.65 -6.91 -16.86
C GLY A 393 6.01 -7.27 -15.46
N ARG A 394 7.29 -7.39 -15.09
CA ARG A 394 7.59 -7.78 -13.70
C ARG A 394 7.23 -6.66 -12.73
N SER A 395 7.61 -5.45 -13.10
CA SER A 395 7.29 -4.31 -12.26
C SER A 395 6.02 -3.65 -12.81
N SER A 396 5.24 -3.01 -11.95
CA SER A 396 4.09 -2.26 -12.43
C SER A 396 4.56 -0.79 -12.47
N VAL A 397 3.83 0.04 -13.22
CA VAL A 397 4.06 1.47 -13.40
C VAL A 397 2.64 2.05 -13.26
N SER A 398 2.47 3.09 -12.44
CA SER A 398 1.17 3.65 -12.18
C SER A 398 0.73 4.98 -12.82
N LEU A 399 -0.44 4.93 -13.45
CA LEU A 399 -1.07 6.14 -14.01
C LEU A 399 -2.17 6.40 -13.00
N GLY A 400 -1.97 7.40 -12.14
CA GLY A 400 -2.99 7.69 -11.16
C GLY A 400 -4.02 8.66 -11.72
N TYR A 401 -5.09 8.88 -10.95
CA TYR A 401 -6.16 9.81 -11.30
C TYR A 401 -6.82 10.18 -10.01
N ILE A 402 -7.62 11.25 -10.05
CA ILE A 402 -8.32 11.68 -8.86
C ILE A 402 -9.56 12.48 -9.21
N GLY A 403 -10.51 12.50 -8.27
CA GLY A 403 -11.72 13.28 -8.43
C GLY A 403 -12.81 12.99 -9.44
N ILE A 404 -13.21 11.73 -9.56
CA ILE A 404 -14.26 11.37 -10.48
C ILE A 404 -15.54 12.10 -10.09
N HIS A 405 -15.78 12.24 -8.79
CA HIS A 405 -16.97 12.92 -8.33
C HIS A 405 -17.10 14.33 -8.89
N GLU A 406 -16.01 15.11 -8.79
CA GLU A 406 -16.01 16.47 -9.29
C GLU A 406 -15.97 16.51 -10.83
N LEU A 407 -15.53 15.45 -11.48
CA LEU A 407 -15.48 15.43 -12.95
C LEU A 407 -16.88 15.20 -13.48
N ASN A 408 -17.64 14.33 -12.80
CA ASN A 408 -19.02 14.00 -13.14
C ASN A 408 -19.87 15.27 -13.09
N ILE A 409 -19.66 16.05 -12.04
CA ILE A 409 -20.37 17.29 -11.85
C ILE A 409 -20.04 18.26 -12.96
N LEU A 410 -18.77 18.31 -13.35
CA LEU A 410 -18.36 19.21 -14.42
C LEU A 410 -18.77 18.81 -15.82
N VAL A 411 -19.01 17.52 -16.05
CA VAL A 411 -19.38 17.13 -17.40
C VAL A 411 -20.88 16.88 -17.54
N GLY A 412 -21.60 17.05 -16.44
CA GLY A 412 -23.03 16.89 -16.51
C GLY A 412 -23.60 15.52 -16.22
N ARG A 413 -22.76 14.49 -16.21
CA ARG A 413 -23.28 13.15 -15.91
C ARG A 413 -22.19 12.21 -15.40
N ASP A 414 -22.58 11.01 -15.02
CA ASP A 414 -21.60 10.06 -14.53
C ASP A 414 -20.80 9.37 -15.64
N ILE A 415 -19.54 9.77 -15.83
CA ILE A 415 -18.67 9.14 -16.81
C ILE A 415 -17.53 8.33 -16.13
N GLY A 416 -17.64 8.15 -14.82
CA GLY A 416 -16.65 7.43 -14.04
C GLY A 416 -16.10 6.15 -14.64
N ARG A 417 -16.96 5.15 -14.72
CA ARG A 417 -16.58 3.88 -15.27
C ARG A 417 -16.08 3.99 -16.69
N GLU A 418 -16.59 4.95 -17.44
CA GLU A 418 -16.21 5.07 -18.83
C GLU A 418 -14.83 5.68 -19.08
N ILE A 419 -14.54 6.76 -18.37
CA ILE A 419 -13.26 7.43 -18.52
C ILE A 419 -12.14 6.42 -18.12
N LEU A 420 -12.35 5.75 -16.99
CA LEU A 420 -11.39 4.74 -16.51
C LEU A 420 -11.20 3.65 -17.53
N THR A 421 -12.30 3.16 -18.10
CA THR A 421 -12.20 2.10 -19.11
C THR A 421 -11.36 2.56 -20.30
N LYS A 422 -11.49 3.81 -20.70
CA LYS A 422 -10.71 4.29 -21.83
C LYS A 422 -9.30 4.51 -21.39
N MET A 423 -9.11 4.80 -20.10
CA MET A 423 -7.75 5.02 -19.66
C MET A 423 -7.02 3.68 -19.80
N ASN A 424 -7.69 2.61 -19.38
CA ASN A 424 -7.15 1.26 -19.48
C ASN A 424 -6.80 0.85 -20.89
N ALA A 425 -7.61 1.30 -21.86
CA ALA A 425 -7.34 0.94 -23.25
C ALA A 425 -6.05 1.64 -23.66
N HIS A 426 -5.85 2.84 -23.13
CA HIS A 426 -4.59 3.54 -23.44
C HIS A 426 -3.42 2.73 -22.79
N LEU A 427 -3.61 2.37 -21.53
CA LEU A 427 -2.60 1.67 -20.76
C LEU A 427 -2.18 0.35 -21.47
N LYS A 428 -3.15 -0.39 -22.01
CA LYS A 428 -2.86 -1.62 -22.74
C LYS A 428 -1.94 -1.34 -23.91
N GLN A 429 -2.17 -0.24 -24.61
CA GLN A 429 -1.30 0.10 -25.74
C GLN A 429 0.11 0.49 -25.28
N TRP A 430 0.18 1.12 -24.10
CA TRP A 430 1.48 1.54 -23.59
C TRP A 430 2.30 0.32 -23.25
N THR A 431 1.64 -0.63 -22.60
CA THR A 431 2.20 -1.90 -22.17
C THR A 431 2.72 -2.70 -23.34
N GLU A 432 1.99 -2.68 -24.45
CA GLU A 432 2.38 -3.44 -25.63
C GLU A 432 3.51 -2.76 -26.41
N ARG A 433 3.65 -1.46 -26.26
CA ARG A 433 4.72 -0.76 -26.97
C ARG A 433 6.06 -0.70 -26.22
N THR A 434 6.01 -0.74 -24.89
CA THR A 434 7.24 -0.61 -24.11
C THR A 434 7.61 -1.85 -23.35
N GLY A 435 6.63 -2.72 -23.13
CA GLY A 435 6.90 -3.90 -22.36
C GLY A 435 6.67 -3.69 -20.86
N PHE A 436 6.50 -2.44 -20.39
CA PHE A 436 6.24 -2.22 -18.97
C PHE A 436 4.76 -2.39 -18.65
N ALA A 437 4.45 -2.93 -17.47
CA ALA A 437 3.07 -3.16 -17.14
C ALA A 437 2.34 -1.98 -16.49
N PHE A 438 1.88 -1.04 -17.32
CA PHE A 438 1.12 0.12 -16.85
C PHE A 438 -0.25 -0.26 -16.30
N SER A 439 -0.60 0.26 -15.12
CA SER A 439 -1.94 -0.01 -14.58
C SER A 439 -2.57 1.26 -14.04
N LEU A 440 -3.89 1.25 -13.87
CA LEU A 440 -4.69 2.38 -13.37
C LEU A 440 -4.66 2.33 -11.88
N TYR A 441 -4.26 3.45 -11.28
CA TYR A 441 -4.07 3.51 -9.84
C TYR A 441 -4.86 4.61 -9.19
N SER A 442 -5.60 4.25 -8.15
CA SER A 442 -6.42 5.20 -7.42
C SER A 442 -5.58 5.90 -6.38
N THR A 443 -4.79 6.88 -6.82
CA THR A 443 -3.91 7.64 -5.96
C THR A 443 -4.44 7.93 -4.54
N PRO A 444 -3.67 7.58 -3.51
CA PRO A 444 -4.11 7.82 -2.14
C PRO A 444 -4.33 9.33 -1.96
N ALA A 445 -3.46 10.13 -2.58
CA ALA A 445 -3.55 11.58 -2.57
C ALA A 445 -3.99 12.23 -1.24
N GLU A 446 -3.25 11.98 -0.17
CA GLU A 446 -3.51 12.52 1.18
C GLU A 446 -3.38 14.06 1.17
N ASN A 447 -2.50 14.56 0.29
CA ASN A 447 -2.24 15.98 0.15
C ASN A 447 -2.50 16.49 -1.27
N LEU A 448 -2.34 15.61 -2.25
CA LEU A 448 -2.55 15.98 -3.64
C LEU A 448 -3.98 16.46 -3.80
N CYS A 449 -4.88 15.96 -2.95
CA CYS A 449 -6.28 16.35 -3.00
C CYS A 449 -6.48 17.86 -2.78
N TYR A 450 -5.58 18.49 -2.01
CA TYR A 450 -5.65 19.93 -1.75
C TYR A 450 -4.86 20.68 -2.82
N ARG A 451 -3.70 20.14 -3.16
CA ARG A 451 -2.82 20.77 -4.13
C ARG A 451 -3.45 20.98 -5.51
N PHE A 452 -4.12 19.95 -6.04
CA PHE A 452 -4.74 20.07 -7.36
C PHE A 452 -5.87 21.12 -7.31
N CYS A 453 -6.67 21.06 -6.26
CA CYS A 453 -7.76 21.98 -6.06
C CYS A 453 -7.24 23.42 -5.96
N LYS A 454 -6.16 23.64 -5.22
CA LYS A 454 -5.59 24.98 -5.10
C LYS A 454 -5.07 25.51 -6.42
N LEU A 455 -4.33 24.71 -7.16
CA LEU A 455 -3.83 25.18 -8.44
C LEU A 455 -4.96 25.47 -9.43
N ASP A 456 -6.05 24.70 -9.36
CA ASP A 456 -7.17 24.90 -10.29
C ASP A 456 -7.97 26.13 -9.86
N THR A 457 -7.90 26.43 -8.58
CA THR A 457 -8.58 27.56 -8.01
C THR A 457 -7.85 28.85 -8.38
N GLU A 458 -6.54 28.78 -8.59
CA GLU A 458 -5.83 29.99 -8.93
C GLU A 458 -6.20 30.36 -10.34
N LYS A 459 -6.94 29.50 -11.02
CA LYS A 459 -7.22 29.80 -12.39
C LYS A 459 -8.70 29.94 -12.62
N TYR A 460 -9.49 29.24 -11.83
CA TYR A 460 -10.91 29.25 -11.99
C TYR A 460 -11.64 29.78 -10.79
N GLY A 461 -10.92 30.03 -9.71
CA GLY A 461 -11.61 30.55 -8.54
C GLY A 461 -12.46 29.47 -7.90
N SER A 462 -13.52 29.90 -7.21
CA SER A 462 -14.42 29.00 -6.51
C SER A 462 -15.52 28.49 -7.45
N VAL A 463 -15.52 27.18 -7.72
CA VAL A 463 -16.51 26.58 -8.60
C VAL A 463 -17.39 25.72 -7.75
N LYS A 464 -18.69 26.01 -7.75
CA LYS A 464 -19.67 25.29 -6.97
C LYS A 464 -19.58 23.76 -7.11
N ASP A 465 -19.35 23.08 -5.98
CA ASP A 465 -19.26 21.62 -5.94
C ASP A 465 -18.01 20.97 -6.56
N VAL A 466 -17.05 21.78 -6.98
CA VAL A 466 -15.82 21.29 -7.55
C VAL A 466 -14.70 21.84 -6.68
N THR A 467 -14.22 23.04 -6.98
CA THR A 467 -13.15 23.66 -6.20
C THR A 467 -13.60 24.44 -4.95
N ASP A 468 -14.89 24.48 -4.64
CA ASP A 468 -15.35 25.29 -3.50
C ASP A 468 -15.13 24.73 -2.10
N LYS A 469 -15.16 23.42 -1.92
CA LYS A 469 -14.89 22.85 -0.60
C LYS A 469 -13.38 22.87 -0.28
N GLY A 470 -12.54 23.05 -1.31
CA GLY A 470 -11.08 23.10 -1.13
C GLY A 470 -10.27 21.86 -1.52
N TRP A 471 -10.94 20.74 -1.77
CA TRP A 471 -10.25 19.50 -2.13
C TRP A 471 -11.05 18.68 -3.12
N TYR A 472 -10.38 17.75 -3.79
CA TYR A 472 -11.09 16.88 -4.71
C TYR A 472 -11.31 15.56 -4.00
N THR A 473 -12.33 14.83 -4.42
CA THR A 473 -12.64 13.56 -3.84
C THR A 473 -11.65 12.53 -4.40
N ASN A 474 -11.24 11.61 -3.54
CA ASN A 474 -10.32 10.56 -3.89
C ASN A 474 -10.83 9.68 -4.99
N SER A 475 -9.99 9.46 -6.00
CA SER A 475 -10.31 8.61 -7.11
C SER A 475 -11.79 8.54 -7.48
N PHE A 476 -12.40 7.38 -7.21
CA PHE A 476 -13.79 7.11 -7.55
C PHE A 476 -14.70 7.07 -6.37
N HIS A 477 -14.19 7.41 -5.18
CA HIS A 477 -15.03 7.34 -3.97
C HIS A 477 -16.22 8.26 -4.07
N VAL A 478 -17.31 7.91 -3.38
CA VAL A 478 -18.47 8.77 -3.39
C VAL A 478 -18.14 9.91 -2.44
N SER A 479 -18.50 11.14 -2.83
CA SER A 479 -18.22 12.30 -1.99
C SER A 479 -18.62 12.02 -0.56
N VAL A 480 -17.97 12.71 0.38
CA VAL A 480 -18.29 12.56 1.81
C VAL A 480 -19.61 13.27 2.10
N GLU A 481 -19.89 14.32 1.33
CA GLU A 481 -21.11 15.08 1.51
C GLU A 481 -22.40 14.32 1.13
N GLU A 482 -22.28 13.14 0.52
CA GLU A 482 -23.48 12.38 0.21
C GLU A 482 -23.93 11.66 1.47
N ASN A 483 -25.22 11.35 1.56
CA ASN A 483 -25.76 10.67 2.73
C ASN A 483 -26.13 9.25 2.35
N ILE A 484 -25.11 8.49 1.96
CA ILE A 484 -25.26 7.11 1.53
C ILE A 484 -25.24 6.08 2.66
N THR A 485 -26.05 5.04 2.53
CA THR A 485 -26.02 3.97 3.53
C THR A 485 -24.73 3.18 3.21
N PRO A 486 -24.11 2.56 4.23
CA PRO A 486 -22.89 1.79 3.98
C PRO A 486 -22.95 0.86 2.77
N PHE A 487 -24.04 0.09 2.66
CA PHE A 487 -24.20 -0.85 1.57
C PHE A 487 -24.35 -0.20 0.22
N GLU A 488 -24.92 0.99 0.22
CA GLU A 488 -25.12 1.73 -1.02
C GLU A 488 -23.73 2.19 -1.53
N LYS A 489 -22.97 2.77 -0.61
CA LYS A 489 -21.64 3.26 -0.89
C LYS A 489 -20.83 2.08 -1.42
N ILE A 490 -20.82 0.98 -0.68
CA ILE A 490 -20.08 -0.20 -1.11
C ILE A 490 -20.52 -0.63 -2.48
N SER A 491 -21.82 -0.49 -2.75
CA SER A 491 -22.37 -0.94 -4.03
C SER A 491 -22.09 -0.01 -5.19
N ARG A 492 -22.13 1.30 -4.92
CA ARG A 492 -21.85 2.29 -5.94
C ARG A 492 -20.34 2.29 -6.29
N GLU A 493 -19.49 1.90 -5.35
CA GLU A 493 -18.03 1.90 -5.58
C GLU A 493 -17.41 0.60 -6.09
N ALA A 494 -17.98 -0.54 -5.72
CA ALA A 494 -17.47 -1.86 -6.09
C ALA A 494 -17.01 -2.10 -7.50
N PRO A 495 -17.72 -1.56 -8.50
CA PRO A 495 -17.27 -1.81 -9.88
C PRO A 495 -15.91 -1.17 -10.21
N TYR A 496 -15.54 -0.16 -9.45
CA TYR A 496 -14.27 0.50 -9.74
C TYR A 496 -13.12 -0.39 -9.36
N HIS A 497 -13.33 -1.25 -8.37
CA HIS A 497 -12.28 -2.17 -7.98
C HIS A 497 -11.93 -3.10 -9.12
N PHE A 498 -12.84 -3.24 -10.10
CA PHE A 498 -12.55 -4.14 -11.22
C PHE A 498 -12.02 -3.41 -12.41
N ILE A 499 -12.04 -2.08 -12.33
CA ILE A 499 -11.55 -1.25 -13.43
C ILE A 499 -10.17 -0.67 -13.15
N ALA A 500 -9.97 -0.15 -11.95
CA ALA A 500 -8.69 0.46 -11.54
C ALA A 500 -7.88 -0.64 -10.82
N THR A 501 -7.42 -1.59 -11.62
CA THR A 501 -6.71 -2.76 -11.15
C THR A 501 -5.36 -2.49 -10.53
N GLY A 502 -4.74 -1.37 -10.87
CA GLY A 502 -3.43 -1.04 -10.30
C GLY A 502 -3.49 -0.59 -8.85
N GLY A 503 -4.66 -0.26 -8.32
CA GLY A 503 -4.75 0.18 -6.94
C GLY A 503 -6.13 0.77 -6.68
N HIS A 504 -6.77 0.40 -5.57
CA HIS A 504 -8.11 0.85 -5.25
C HIS A 504 -8.45 0.45 -3.84
N ILE A 505 -9.44 1.11 -3.28
CA ILE A 505 -9.92 0.79 -1.95
C ILE A 505 -11.21 1.56 -1.73
N SER A 506 -12.07 1.05 -0.85
CA SER A 506 -13.30 1.73 -0.52
C SER A 506 -13.39 1.79 0.99
N TYR A 507 -13.90 2.92 1.47
CA TYR A 507 -14.10 3.16 2.88
C TYR A 507 -15.59 3.41 3.17
N VAL A 508 -15.96 3.19 4.41
CA VAL A 508 -17.34 3.43 4.84
C VAL A 508 -17.12 4.12 6.18
N GLU A 509 -17.94 5.11 6.50
CA GLU A 509 -17.84 5.79 7.78
C GLU A 509 -18.85 5.09 8.66
N LEU A 510 -18.48 4.85 9.90
CA LEU A 510 -19.32 4.17 10.86
C LEU A 510 -19.11 4.80 12.24
N PRO A 511 -20.12 4.69 13.12
CA PRO A 511 -20.06 5.23 14.48
C PRO A 511 -19.21 4.25 15.29
N ASP A 512 -19.15 4.46 16.61
CA ASP A 512 -18.40 3.52 17.42
C ASP A 512 -19.10 2.18 17.28
N MET A 513 -18.34 1.15 16.97
CA MET A 513 -18.92 -0.18 16.82
C MET A 513 -18.25 -1.15 17.77
N LYS A 514 -17.55 -0.61 18.77
CA LYS A 514 -16.87 -1.49 19.72
C LYS A 514 -17.87 -2.45 20.34
N ASN A 515 -19.12 -2.02 20.49
CA ASN A 515 -20.15 -2.87 21.07
C ASN A 515 -21.19 -3.36 20.05
N ASN A 516 -20.87 -3.23 18.77
CA ASN A 516 -21.77 -3.67 17.70
C ASN A 516 -20.94 -4.42 16.66
N LEU A 517 -20.21 -5.44 17.09
CA LEU A 517 -19.38 -6.19 16.15
C LEU A 517 -20.12 -6.92 15.05
N LYS A 518 -21.32 -7.42 15.35
CA LYS A 518 -22.10 -8.13 14.35
C LYS A 518 -22.51 -7.14 13.24
N GLY A 519 -22.57 -5.86 13.61
CA GLY A 519 -22.93 -4.83 12.64
C GLY A 519 -21.77 -4.56 11.67
N LEU A 520 -20.58 -4.51 12.24
CA LEU A 520 -19.37 -4.28 11.47
C LEU A 520 -19.16 -5.54 10.63
N GLU A 521 -19.40 -6.72 11.19
CA GLU A 521 -19.19 -7.94 10.40
C GLU A 521 -20.10 -7.95 9.18
N ALA A 522 -21.27 -7.31 9.32
CA ALA A 522 -22.24 -7.21 8.24
C ALA A 522 -21.65 -6.44 7.06
N VAL A 523 -21.13 -5.25 7.36
CA VAL A 523 -20.48 -4.38 6.38
C VAL A 523 -19.34 -5.16 5.75
N TRP A 524 -18.51 -5.79 6.58
CA TRP A 524 -17.39 -6.57 6.09
C TRP A 524 -17.82 -7.65 5.09
N ASP A 525 -18.85 -8.40 5.45
CA ASP A 525 -19.33 -9.47 4.58
C ASP A 525 -19.89 -8.94 3.29
N TYR A 526 -20.52 -7.76 3.35
CA TYR A 526 -21.06 -7.17 2.13
C TYR A 526 -19.91 -6.72 1.20
N ALA A 527 -18.97 -5.94 1.72
CA ALA A 527 -17.81 -5.50 0.94
C ALA A 527 -17.03 -6.70 0.37
N ALA A 528 -16.80 -7.70 1.22
CA ALA A 528 -16.08 -8.91 0.86
C ALA A 528 -16.66 -9.57 -0.38
N GLN A 529 -17.97 -9.70 -0.42
CA GLN A 529 -18.60 -10.29 -1.59
C GLN A 529 -18.48 -9.40 -2.84
N HIS A 530 -18.78 -8.10 -2.68
CA HIS A 530 -18.79 -7.15 -3.79
C HIS A 530 -17.52 -6.46 -4.30
N LEU A 531 -16.53 -6.24 -3.44
CA LEU A 531 -15.34 -5.57 -3.92
C LEU A 531 -14.04 -6.18 -3.44
N ASP A 532 -12.93 -5.50 -3.75
CA ASP A 532 -11.62 -6.01 -3.41
C ASP A 532 -11.03 -5.63 -2.06
N TYR A 533 -10.43 -4.45 -1.97
CA TYR A 533 -9.74 -4.01 -0.76
C TYR A 533 -10.68 -3.04 -0.06
N PHE A 534 -10.86 -3.19 1.25
CA PHE A 534 -11.81 -2.40 1.94
C PHE A 534 -11.43 -2.13 3.37
N GLY A 535 -11.88 -0.99 3.88
CA GLY A 535 -11.60 -0.60 5.25
C GLY A 535 -12.73 0.24 5.86
N VAL A 536 -12.74 0.35 7.18
CA VAL A 536 -13.80 1.05 7.86
C VAL A 536 -13.30 2.18 8.77
N ASN A 537 -13.84 3.38 8.57
CA ASN A 537 -13.43 4.50 9.38
C ASN A 537 -14.41 4.70 10.49
N MET A 538 -13.89 4.67 11.70
CA MET A 538 -14.68 4.84 12.89
C MET A 538 -13.86 5.74 13.79
N PRO A 539 -14.48 6.20 14.87
CA PRO A 539 -13.70 7.07 15.75
C PRO A 539 -12.92 6.17 16.70
N VAL A 540 -11.70 6.55 17.02
CA VAL A 540 -10.93 5.75 17.97
C VAL A 540 -10.12 6.69 18.86
N ASP A 541 -10.69 6.97 20.04
CA ASP A 541 -10.09 7.85 21.03
C ASP A 541 -10.05 7.18 22.41
N LYS A 542 -9.13 7.63 23.27
CA LYS A 542 -8.91 7.12 24.62
C LYS A 542 -8.85 8.42 25.44
N CYS A 543 -8.44 8.36 26.72
CA CYS A 543 -8.32 9.57 27.55
C CYS A 543 -7.23 10.51 26.96
N MET A 572 -7.48 10.78 25.68
CA MET A 572 -6.79 11.64 24.71
C MET A 572 -5.62 11.18 23.85
N ASN A 573 -6.00 10.35 22.90
CA ASN A 573 -5.19 9.79 21.83
C ASN A 573 -6.33 9.74 20.82
N THR A 574 -6.42 10.75 19.96
CA THR A 574 -7.51 10.82 18.98
C THR A 574 -7.10 10.44 17.57
N ILE A 575 -7.67 9.37 17.03
CA ILE A 575 -7.32 8.94 15.68
C ILE A 575 -8.46 8.85 14.68
N ARG A 576 -8.19 9.36 13.47
CA ARG A 576 -9.17 9.34 12.38
C ARG A 576 -8.47 9.06 11.04
N ARG A 577 -9.19 8.44 10.12
CA ARG A 577 -8.63 8.21 8.78
C ARG A 577 -9.55 8.99 7.86
N THR A 578 -9.23 10.27 7.70
CA THR A 578 -10.02 11.15 6.88
C THR A 578 -9.67 11.01 5.41
N CYS A 579 -8.53 10.40 5.14
CA CYS A 579 -8.08 10.19 3.77
C CYS A 579 -7.49 8.78 3.62
N ALA A 580 -6.17 8.72 3.49
CA ALA A 580 -5.45 7.46 3.32
C ALA A 580 -4.89 6.87 4.61
N TYR A 581 -4.18 7.67 5.40
CA TYR A 581 -3.56 7.22 6.64
C TYR A 581 -4.30 7.51 7.91
N LEU A 582 -3.83 6.91 9.00
CA LEU A 582 -4.41 7.18 10.28
C LEU A 582 -3.76 8.47 10.73
N GLY A 583 -4.46 9.25 11.55
CA GLY A 583 -3.88 10.48 12.03
C GLY A 583 -4.71 11.19 13.07
N ASN A 584 -4.10 12.18 13.72
CA ASN A 584 -4.76 12.95 14.75
C ASN A 584 -5.27 14.24 14.10
N PRO A 585 -6.59 14.35 13.86
CA PRO A 585 -7.07 15.57 13.24
C PRO A 585 -7.09 16.76 14.19
N ASN A 586 -6.29 16.69 15.25
CA ASN A 586 -6.25 17.78 16.21
C ASN A 586 -5.22 18.84 15.82
N GLU A 587 -4.20 18.40 15.09
CA GLU A 587 -3.13 19.32 14.64
C GLU A 587 -3.49 20.00 13.32
#